data_6AQ6
#
_entry.id   6AQ6
#
_cell.length_a   134.669
_cell.length_b   134.669
_cell.length_c   81.212
_cell.angle_alpha   90.00
_cell.angle_beta   90.00
_cell.angle_gamma   120.00
#
_symmetry.space_group_name_H-M   'P 65'
#
loop_
_entity.id
_entity.type
_entity.pdbx_description
1 polymer Lectin
2 branched beta-D-galactopyranose-(1-4)-2-acetamido-2-deoxy-beta-D-glucopyranose
3 branched beta-D-xylopyranose-(1-2)-[alpha-D-mannopyranose-(1-3)]beta-D-mannopyranose-(1-4)-2-acetamido-2-deoxy-beta-D-glucopyranose-(1-4)-[alpha-L-fucopyranose-(1-3)]2-acetamido-2-deoxy-beta-D-glucopyranose
4 branched 2-acetamido-2-deoxy-beta-D-glucopyranose-(1-4)-2-acetamido-2-deoxy-beta-D-glucopyranose
5 non-polymer 'CALCIUM ION'
6 non-polymer 'MANGANESE (II) ION'
7 non-polymer 'SODIUM ION'
8 non-polymer 'ACETATE ION'
9 water water
#
_entity_poly.entity_id   1
_entity_poly.type   'polypeptide(L)'
_entity_poly.pdbx_seq_one_letter_code
;VETISFSFSEFEPGNNDLTLQGAAIITQSGVLQLTKINQNGMPAWDSTGRTLYTKPVHIWDMTTGTVASFETRFSFSIEQ
PYTRPLPADGLVFFMGPTKSKPAQGYGYLGVFNNSKQDNSYQTLAVEFDTFSNPWDPPQVPHIGIDVNSIRSIKTQPFQL
DNGQVANVVIKYDASSKILLAVLVYPSSGAIYTIAEIVDVKQVLPEWVDVGLSGATGAQRDAAETHDVYSWSFHASLPE
;
_entity_poly.pdbx_strand_id   A,B
#
# COMPACT_ATOMS: atom_id res chain seq x y z
N VAL A 1 -13.28 20.28 12.08
CA VAL A 1 -12.09 19.44 12.01
C VAL A 1 -10.85 20.11 12.51
N GLU A 2 -10.08 19.41 13.33
CA GLU A 2 -8.81 19.91 13.82
C GLU A 2 -7.68 19.27 13.04
N THR A 3 -6.80 20.11 12.51
CA THR A 3 -5.86 19.71 11.48
C THR A 3 -4.44 20.05 11.91
N ILE A 4 -3.49 19.17 11.58
CA ILE A 4 -2.08 19.50 11.69
C ILE A 4 -1.34 18.77 10.57
N SER A 5 -0.24 19.35 10.13
CA SER A 5 0.57 18.70 9.11
C SER A 5 1.92 19.38 9.05
N PHE A 6 2.91 18.63 8.55
CA PHE A 6 4.23 19.18 8.27
C PHE A 6 4.81 18.41 7.10
N SER A 7 5.88 18.95 6.53
CA SER A 7 6.53 18.30 5.40
C SER A 7 7.96 18.81 5.33
N PHE A 8 8.92 17.91 5.53
CA PHE A 8 10.34 18.19 5.36
C PHE A 8 10.81 17.49 4.08
N SER A 9 11.20 18.26 3.08
CA SER A 9 11.72 17.67 1.85
C SER A 9 13.19 17.29 1.99
N GLU A 10 13.91 18.06 2.81
CA GLU A 10 15.20 17.68 3.36
C GLU A 10 15.21 18.22 4.79
N PHE A 11 16.27 17.90 5.53
CA PHE A 11 16.37 18.29 6.92
C PHE A 11 17.42 19.38 7.07
N GLU A 12 17.14 20.37 7.91
CA GLU A 12 18.07 21.48 8.05
C GLU A 12 18.52 21.60 9.51
N PRO A 13 19.82 21.64 9.76
CA PRO A 13 20.31 21.72 11.14
C PRO A 13 19.78 22.95 11.85
N GLY A 14 19.58 22.82 13.16
CA GLY A 14 19.16 23.93 13.99
C GLY A 14 17.70 24.32 13.87
N ASN A 15 16.97 23.77 12.91
CA ASN A 15 15.54 24.05 12.82
C ASN A 15 14.82 23.40 13.98
N ASN A 16 14.19 24.21 14.83
CA ASN A 16 13.57 23.69 16.04
C ASN A 16 12.10 23.32 15.86
N ASP A 17 11.70 22.97 14.64
CA ASP A 17 10.48 22.18 14.48
C ASP A 17 10.75 20.69 14.67
N LEU A 18 12.02 20.30 14.85
CA LEU A 18 12.40 18.93 15.13
C LEU A 18 13.25 18.88 16.39
N THR A 19 12.98 17.88 17.23
CA THR A 19 13.80 17.59 18.40
C THR A 19 14.66 16.37 18.11
N LEU A 20 15.99 16.53 18.25
CA LEU A 20 16.93 15.42 18.07
C LEU A 20 17.30 14.87 19.45
N GLN A 21 17.27 13.55 19.57
CA GLN A 21 17.53 12.84 20.81
C GLN A 21 18.58 11.76 20.57
N GLY A 22 19.33 11.44 21.62
CA GLY A 22 20.32 10.38 21.51
C GLY A 22 21.39 10.70 20.49
N ALA A 23 21.66 9.74 19.60
CA ALA A 23 22.74 9.92 18.64
C ALA A 23 22.33 10.74 17.42
N ALA A 24 21.04 11.03 17.25
CA ALA A 24 20.56 11.62 16.01
C ALA A 24 21.25 12.93 15.67
N ILE A 25 21.66 13.09 14.41
CA ILE A 25 22.22 14.34 13.92
C ILE A 25 21.67 14.62 12.52
N ILE A 26 21.71 15.89 12.15
CA ILE A 26 21.36 16.33 10.81
C ILE A 26 22.65 16.78 10.13
N THR A 27 22.99 16.18 9.00
CA THR A 27 24.21 16.59 8.32
C THR A 27 23.99 17.91 7.60
N GLN A 28 25.09 18.50 7.11
CA GLN A 28 24.98 19.72 6.30
C GLN A 28 24.36 19.44 4.94
N SER A 29 24.34 18.19 4.49
CA SER A 29 23.71 17.82 3.23
C SER A 29 22.22 17.56 3.38
N GLY A 30 21.65 17.74 4.57
CA GLY A 30 20.23 17.57 4.75
C GLY A 30 19.76 16.16 5.09
N VAL A 31 20.68 15.28 5.50
CA VAL A 31 20.35 13.89 5.81
C VAL A 31 20.23 13.75 7.32
N LEU A 32 19.18 13.06 7.75
CA LEU A 32 19.00 12.75 9.17
C LEU A 32 19.60 11.39 9.46
N GLN A 33 20.75 11.38 10.13
CA GLN A 33 21.43 10.14 10.53
C GLN A 33 20.93 9.77 11.92
N LEU A 34 19.93 8.89 11.99
CA LEU A 34 19.36 8.50 13.29
C LEU A 34 20.40 7.83 14.17
N THR A 35 21.24 6.97 13.59
CA THR A 35 22.31 6.33 14.35
C THR A 35 23.67 6.76 13.82
N LYS A 36 24.67 6.67 14.70
CA LYS A 36 25.94 7.33 14.47
C LYS A 36 26.70 6.69 13.30
N ILE A 37 27.29 7.55 12.48
CA ILE A 37 28.23 7.14 11.43
C ILE A 37 29.59 7.67 11.83
N ASN A 38 30.56 6.76 11.98
CA ASN A 38 31.90 7.13 12.37
C ASN A 38 32.57 7.98 11.29
N GLN A 39 33.71 8.56 11.64
CA GLN A 39 34.42 9.40 10.69
C GLN A 39 34.91 8.61 9.47
N ASN A 40 35.11 7.31 9.60
CA ASN A 40 35.54 6.52 8.45
C ASN A 40 34.36 6.11 7.56
N GLY A 41 33.18 6.67 7.79
CA GLY A 41 32.01 6.40 6.98
C GLY A 41 31.25 5.15 7.33
N MET A 42 31.75 4.31 8.27
CA MET A 42 31.08 3.10 8.69
C MET A 42 30.12 3.37 9.86
N PRO A 43 29.00 2.66 9.91
CA PRO A 43 28.05 2.86 11.01
C PRO A 43 28.57 2.24 12.30
N ALA A 44 28.27 2.93 13.41
CA ALA A 44 28.71 2.50 14.73
C ALA A 44 27.63 1.65 15.41
N TRP A 45 28.06 0.55 16.02
CA TRP A 45 27.17 -0.27 16.80
C TRP A 45 26.85 0.41 18.13
N ASP A 46 25.93 -0.19 18.89
CA ASP A 46 25.59 0.31 20.23
C ASP A 46 25.11 1.76 20.18
N SER A 47 24.27 2.07 19.19
CA SER A 47 23.86 3.46 18.96
C SER A 47 22.35 3.53 18.84
N THR A 48 21.77 4.58 19.43
CA THR A 48 20.33 4.81 19.38
C THR A 48 20.08 6.30 19.19
N GLY A 49 19.17 6.64 18.27
CA GLY A 49 18.87 8.03 18.00
C GLY A 49 17.44 8.17 17.52
N ARG A 50 16.82 9.31 17.83
CA ARG A 50 15.43 9.55 17.50
C ARG A 50 15.21 11.02 17.13
N THR A 51 14.14 11.25 16.40
CA THR A 51 13.67 12.60 16.15
CA THR A 51 13.66 12.61 16.16
C THR A 51 12.17 12.66 16.44
N LEU A 52 11.73 13.73 17.09
CA LEU A 52 10.32 13.94 17.36
C LEU A 52 9.91 15.29 16.76
N TYR A 53 8.73 15.32 16.16
CA TYR A 53 8.15 16.61 15.81
C TYR A 53 7.73 17.30 17.09
N THR A 54 7.99 18.61 17.16
CA THR A 54 7.95 19.35 18.42
C THR A 54 6.58 19.89 18.77
N LYS A 55 5.53 19.53 18.03
CA LYS A 55 4.18 19.89 18.44
C LYS A 55 3.38 18.62 18.67
N PRO A 56 2.67 18.50 19.78
CA PRO A 56 1.81 17.33 19.98
C PRO A 56 0.73 17.28 18.92
N VAL A 57 0.13 16.10 18.79
CA VAL A 57 -0.88 15.83 17.78
C VAL A 57 -2.14 15.40 18.51
N HIS A 58 -3.26 16.05 18.21
CA HIS A 58 -4.54 15.67 18.80
C HIS A 58 -5.10 14.51 17.99
N ILE A 59 -5.03 13.30 18.53
CA ILE A 59 -5.40 12.10 17.78
C ILE A 59 -6.81 11.60 18.05
N TRP A 60 -7.39 11.90 19.22
CA TRP A 60 -8.80 11.61 19.44
C TRP A 60 -9.26 12.41 20.66
N ASP A 61 -10.53 12.22 21.01
CA ASP A 61 -11.19 13.02 22.04
C ASP A 61 -12.10 12.14 22.88
N MET A 62 -11.88 12.10 24.19
CA MET A 62 -12.68 11.23 25.04
C MET A 62 -14.14 11.68 25.09
N THR A 63 -14.39 12.99 25.04
CA THR A 63 -15.75 13.48 25.22
C THR A 63 -16.61 13.25 23.98
N THR A 64 -16.11 13.66 22.81
CA THR A 64 -16.85 13.43 21.57
C THR A 64 -16.68 12.01 21.05
N GLY A 65 -15.63 11.31 21.47
CA GLY A 65 -15.37 10.00 20.92
C GLY A 65 -14.92 9.99 19.49
N THR A 66 -14.62 11.16 18.91
CA THR A 66 -14.10 11.20 17.55
C THR A 66 -12.63 10.78 17.53
N VAL A 67 -12.20 10.30 16.37
CA VAL A 67 -10.87 9.73 16.17
C VAL A 67 -10.30 10.29 14.89
N ALA A 68 -9.05 10.76 14.92
CA ALA A 68 -8.44 11.37 13.75
C ALA A 68 -7.98 10.31 12.76
N SER A 69 -8.05 10.66 11.49
CA SER A 69 -7.39 9.91 10.42
C SER A 69 -6.06 10.58 10.11
N PHE A 70 -5.07 9.78 9.69
CA PHE A 70 -3.75 10.38 9.52
C PHE A 70 -2.89 9.57 8.55
N GLU A 71 -1.83 10.20 8.06
CA GLU A 71 -0.95 9.65 7.05
C GLU A 71 0.45 10.16 7.29
N THR A 72 1.45 9.31 7.11
CA THR A 72 2.81 9.81 7.19
C THR A 72 3.62 9.15 6.08
N ARG A 73 4.63 9.86 5.61
CA ARG A 73 5.44 9.43 4.48
C ARG A 73 6.88 9.81 4.77
N PHE A 74 7.81 8.91 4.48
CA PHE A 74 9.21 9.27 4.63
C PHE A 74 10.05 8.43 3.68
N SER A 75 11.23 8.94 3.38
CA SER A 75 12.24 8.22 2.60
C SER A 75 13.45 7.95 3.49
N PHE A 76 13.94 6.71 3.45
CA PHE A 76 15.07 6.31 4.28
C PHE A 76 15.96 5.36 3.49
N SER A 77 17.17 5.15 3.99
CA SER A 77 17.98 4.04 3.50
C SER A 77 18.69 3.37 4.66
N ILE A 78 18.82 2.05 4.54
CA ILE A 78 19.61 1.22 5.45
C ILE A 78 20.70 0.54 4.63
N GLU A 79 21.96 0.84 4.97
CA GLU A 79 23.12 0.21 4.37
C GLU A 79 23.73 -0.74 5.40
N GLN A 80 23.77 -2.03 5.07
CA GLN A 80 24.39 -3.04 5.91
C GLN A 80 25.75 -3.41 5.31
N PRO A 81 26.86 -2.89 5.84
CA PRO A 81 28.15 -3.09 5.15
C PRO A 81 28.86 -4.39 5.47
N TYR A 82 28.43 -5.14 6.48
CA TYR A 82 29.10 -6.39 6.82
C TYR A 82 28.09 -7.53 6.79
N THR A 83 28.62 -8.73 6.58
CA THR A 83 27.80 -9.94 6.55
C THR A 83 27.95 -10.78 7.82
N ARG A 84 29.03 -10.57 8.58
CA ARG A 84 29.24 -11.19 9.87
C ARG A 84 29.83 -10.08 10.73
N PRO A 85 29.27 -9.81 11.92
CA PRO A 85 28.04 -10.41 12.44
C PRO A 85 26.80 -9.99 11.65
N LEU A 86 25.65 -10.53 12.02
CA LEU A 86 24.40 -10.12 11.40
C LEU A 86 24.13 -8.66 11.72
N PRO A 87 23.61 -7.89 10.78
CA PRO A 87 23.35 -6.47 11.04
C PRO A 87 22.15 -6.30 11.97
N ALA A 88 22.05 -5.10 12.55
CA ALA A 88 21.06 -4.77 13.57
C ALA A 88 21.00 -3.26 13.74
N ASP A 89 19.90 -2.73 14.28
CA ASP A 89 18.66 -3.43 14.65
C ASP A 89 17.45 -2.91 13.86
N GLY A 90 17.49 -1.66 13.40
CA GLY A 90 16.37 -1.20 12.60
C GLY A 90 15.92 0.23 12.87
N LEU A 91 14.82 0.64 12.24
CA LEU A 91 14.27 1.96 12.45
C LEU A 91 12.74 1.87 12.41
N VAL A 92 12.07 2.91 12.88
CA VAL A 92 10.66 2.78 13.18
C VAL A 92 10.04 4.17 13.23
N PHE A 93 8.83 4.28 12.73
CA PHE A 93 7.98 5.44 12.95
C PHE A 93 7.07 5.10 14.11
N PHE A 94 6.94 6.02 15.07
CA PHE A 94 6.15 5.68 16.24
C PHE A 94 5.33 6.87 16.69
N MET A 95 4.22 6.56 17.35
CA MET A 95 3.32 7.54 17.94
C MET A 95 3.09 7.13 19.39
N GLY A 96 3.23 8.08 20.30
CA GLY A 96 3.09 7.76 21.69
C GLY A 96 2.92 8.98 22.58
N PRO A 97 2.92 8.75 23.90
CA PRO A 97 2.71 9.86 24.84
C PRO A 97 3.77 10.92 24.64
N THR A 98 3.36 12.18 24.86
CA THR A 98 4.27 13.31 24.70
C THR A 98 5.39 13.28 25.74
N LYS A 99 6.37 14.16 25.53
CA LYS A 99 7.52 14.36 26.42
C LYS A 99 8.42 13.14 26.57
N SER A 100 8.31 12.13 25.69
CA SER A 100 9.09 10.91 25.87
C SER A 100 10.55 11.09 25.46
N LYS A 101 11.41 10.28 26.06
CA LYS A 101 12.83 10.24 25.79
C LYS A 101 13.19 8.86 25.25
N PRO A 102 14.36 8.70 24.64
CA PRO A 102 14.72 7.38 24.11
C PRO A 102 14.58 6.31 25.18
N ALA A 103 13.96 5.19 24.79
CA ALA A 103 13.87 4.04 25.69
C ALA A 103 15.04 3.11 25.38
N GLN A 104 14.89 1.81 25.66
CA GLN A 104 15.97 0.86 25.36
C GLN A 104 16.28 0.77 23.86
N GLY A 105 17.56 0.64 23.54
CA GLY A 105 18.02 0.42 22.17
C GLY A 105 17.95 -1.03 21.72
N TYR A 106 18.86 -1.40 20.84
CA TYR A 106 18.95 -2.77 20.30
C TYR A 106 17.61 -3.14 19.67
N GLY A 107 17.14 -4.36 19.90
CA GLY A 107 15.90 -4.84 19.32
C GLY A 107 14.66 -4.13 19.81
N TYR A 108 14.79 -3.28 20.83
CA TYR A 108 13.68 -2.44 21.28
C TYR A 108 13.61 -1.12 20.51
N LEU A 109 14.58 -0.84 19.64
CA LEU A 109 14.49 0.20 18.61
C LEU A 109 14.37 1.60 19.16
N GLY A 110 14.69 1.82 20.45
CA GLY A 110 14.59 3.12 21.07
C GLY A 110 13.22 3.52 21.52
N VAL A 111 12.22 2.65 21.40
CA VAL A 111 10.83 3.00 21.65
C VAL A 111 10.24 2.20 22.81
N PHE A 112 10.58 0.91 22.94
CA PHE A 112 10.10 0.08 24.03
C PHE A 112 11.22 -0.18 25.03
N ASN A 113 10.84 -0.67 26.22
CA ASN A 113 11.79 -0.89 27.29
C ASN A 113 12.05 -2.36 27.55
N ASN A 114 11.24 -3.23 26.99
CA ASN A 114 11.34 -4.68 27.05
C ASN A 114 10.29 -5.18 26.05
N SER A 115 10.11 -6.50 25.99
CA SER A 115 9.28 -7.13 24.97
C SER A 115 7.83 -7.32 25.37
N LYS A 116 7.41 -6.85 26.53
CA LYS A 116 6.08 -7.24 26.98
C LYS A 116 4.99 -6.52 26.18
N GLN A 117 3.86 -7.20 26.06
CA GLN A 117 2.62 -6.61 25.57
C GLN A 117 1.96 -5.89 26.74
N ASP A 118 2.06 -4.55 26.77
CA ASP A 118 1.58 -3.76 27.91
C ASP A 118 0.82 -2.54 27.43
N ASN A 119 -0.43 -2.39 27.88
CA ASN A 119 -1.22 -1.22 27.48
C ASN A 119 -0.65 0.08 28.02
N SER A 120 0.19 0.02 29.05
CA SER A 120 0.75 1.26 29.57
C SER A 120 1.76 1.86 28.60
N TYR A 121 2.25 1.08 27.64
CA TYR A 121 3.14 1.65 26.62
C TYR A 121 2.46 2.81 25.90
N GLN A 122 1.17 2.66 25.59
CA GLN A 122 0.39 3.66 24.86
C GLN A 122 1.12 4.11 23.59
N THR A 123 1.67 3.15 22.85
CA THR A 123 2.49 3.44 21.68
C THR A 123 2.05 2.60 20.49
N LEU A 124 1.95 3.24 19.34
CA LEU A 124 1.68 2.59 18.06
C LEU A 124 2.86 2.85 17.13
N ALA A 125 3.31 1.82 16.43
CA ALA A 125 4.51 2.00 15.64
C ALA A 125 4.51 1.09 14.43
N VAL A 126 5.18 1.56 13.37
CA VAL A 126 5.43 0.79 12.15
C VAL A 126 6.93 0.65 12.04
N GLU A 127 7.42 -0.58 12.14
CA GLU A 127 8.84 -0.83 12.29
C GLU A 127 9.39 -1.41 10.99
N PHE A 128 10.67 -1.16 10.77
CA PHE A 128 11.44 -1.76 9.67
C PHE A 128 12.65 -2.43 10.35
N ASP A 129 12.49 -3.72 10.58
CA ASP A 129 13.25 -4.46 11.59
C ASP A 129 14.28 -5.31 10.84
N THR A 130 15.57 -5.15 11.18
CA THR A 130 16.66 -5.78 10.45
C THR A 130 17.34 -6.94 11.18
N PHE A 131 16.96 -7.23 12.43
CA PHE A 131 17.58 -8.32 13.19
C PHE A 131 16.50 -9.15 13.86
N SER A 132 16.58 -10.47 13.72
CA SER A 132 15.54 -11.36 14.24
C SER A 132 15.79 -11.73 15.70
N ASN A 133 15.12 -11.00 16.61
CA ASN A 133 15.16 -11.27 18.05
C ASN A 133 14.29 -12.48 18.40
N PRO A 134 14.32 -12.95 19.65
CA PRO A 134 13.44 -14.08 20.02
C PRO A 134 11.96 -13.81 19.85
N TRP A 135 11.52 -12.56 19.86
CA TRP A 135 10.11 -12.25 19.69
C TRP A 135 9.71 -11.98 18.24
N ASP A 136 10.70 -11.91 17.31
CA ASP A 136 10.59 -11.60 15.89
C ASP A 136 10.30 -12.85 15.07
N PRO A 137 9.63 -12.73 13.93
CA PRO A 137 9.60 -13.83 12.98
C PRO A 137 11.02 -14.13 12.51
N PRO A 138 11.28 -15.27 11.87
CA PRO A 138 12.67 -15.56 11.50
C PRO A 138 13.17 -14.70 10.34
N GLN A 139 12.30 -14.22 9.45
CA GLN A 139 12.76 -13.46 8.29
C GLN A 139 13.05 -12.02 8.66
N VAL A 140 14.21 -11.53 8.23
CA VAL A 140 14.56 -10.11 8.28
C VAL A 140 15.10 -9.71 6.91
N PRO A 141 14.89 -8.47 6.47
CA PRO A 141 14.10 -7.50 7.25
C PRO A 141 12.61 -7.72 7.13
N HIS A 142 11.82 -7.07 8.00
CA HIS A 142 10.37 -7.19 7.91
C HIS A 142 9.74 -5.87 8.37
N ILE A 143 8.63 -5.54 7.76
CA ILE A 143 7.75 -4.50 8.29
C ILE A 143 6.93 -5.11 9.40
N GLY A 144 6.72 -4.35 10.47
CA GLY A 144 5.84 -4.80 11.54
C GLY A 144 4.96 -3.65 12.00
N ILE A 145 3.73 -4.00 12.35
CA ILE A 145 2.81 -3.07 13.00
C ILE A 145 2.83 -3.40 14.48
N ASP A 146 3.31 -2.45 15.28
CA ASP A 146 3.56 -2.65 16.72
C ASP A 146 2.51 -1.87 17.50
N VAL A 147 1.64 -2.58 18.23
CA VAL A 147 0.59 -1.98 19.04
C VAL A 147 0.87 -2.33 20.50
N ASN A 148 1.49 -1.39 21.22
CA ASN A 148 1.81 -1.53 22.63
C ASN A 148 2.86 -2.60 22.91
N SER A 149 3.69 -2.91 21.91
CA SER A 149 4.63 -4.00 22.10
C SER A 149 5.56 -4.07 20.91
N ILE A 150 6.85 -4.31 21.17
CA ILE A 150 7.79 -4.61 20.08
C ILE A 150 7.43 -5.92 19.39
N ARG A 151 6.58 -6.76 20.02
CA ARG A 151 6.04 -7.96 19.39
C ARG A 151 4.91 -7.55 18.47
N SER A 152 5.18 -7.53 17.16
CA SER A 152 4.23 -7.00 16.20
C SER A 152 2.99 -7.87 16.12
N ILE A 153 1.83 -7.22 16.00
CA ILE A 153 0.59 -7.93 15.72
C ILE A 153 0.56 -8.45 14.29
N LYS A 154 1.39 -7.91 13.40
CA LYS A 154 1.40 -8.29 12.00
C LYS A 154 2.77 -7.95 11.43
N THR A 155 3.35 -8.88 10.65
CA THR A 155 4.65 -8.67 10.03
C THR A 155 4.61 -9.03 8.55
N GLN A 156 5.50 -8.40 7.79
CA GLN A 156 5.64 -8.64 6.36
C GLN A 156 7.12 -8.66 5.99
N PRO A 157 7.69 -9.81 5.67
CA PRO A 157 9.09 -9.84 5.25
C PRO A 157 9.26 -9.04 3.97
N PHE A 158 10.39 -8.36 3.86
CA PHE A 158 10.78 -7.78 2.59
C PHE A 158 12.28 -7.96 2.36
N GLN A 159 12.68 -7.82 1.11
CA GLN A 159 14.08 -7.94 0.76
C GLN A 159 14.73 -6.57 0.78
N LEU A 160 15.83 -6.45 1.51
CA LEU A 160 16.53 -5.18 1.54
C LEU A 160 17.13 -4.90 0.18
N ASP A 161 17.04 -3.66 -0.27
CA ASP A 161 17.88 -3.21 -1.38
C ASP A 161 19.00 -2.44 -0.70
N ASN A 162 20.11 -3.13 -0.46
CA ASN A 162 21.11 -2.68 0.50
C ASN A 162 21.65 -1.30 0.10
N GLY A 163 21.52 -0.33 0.98
CA GLY A 163 22.07 0.99 0.74
C GLY A 163 21.25 1.91 -0.15
N GLN A 164 20.12 1.45 -0.68
CA GLN A 164 19.29 2.25 -1.57
C GLN A 164 18.12 2.86 -0.80
N VAL A 165 17.46 3.83 -1.45
CA VAL A 165 16.42 4.64 -0.82
C VAL A 165 15.08 3.93 -0.92
N ALA A 166 14.36 3.86 0.18
CA ALA A 166 13.01 3.30 0.21
C ALA A 166 12.01 4.43 0.46
N ASN A 167 10.80 4.24 -0.04
CA ASN A 167 9.72 5.18 0.16
C ASN A 167 8.65 4.48 0.99
N VAL A 168 8.21 5.13 2.07
CA VAL A 168 7.22 4.57 2.98
C VAL A 168 5.96 5.44 2.93
N VAL A 169 4.80 4.80 2.91
CA VAL A 169 3.52 5.45 3.16
C VAL A 169 2.82 4.67 4.26
N ILE A 170 2.36 5.39 5.29
CA ILE A 170 1.60 4.80 6.39
C ILE A 170 0.33 5.61 6.53
N LYS A 171 -0.82 4.95 6.48
CA LYS A 171 -2.09 5.65 6.55
C LYS A 171 -3.04 4.94 7.50
N TYR A 172 -3.76 5.74 8.30
CA TYR A 172 -4.76 5.23 9.22
C TYR A 172 -6.08 5.89 8.88
N ASP A 173 -7.11 5.07 8.64
CA ASP A 173 -8.46 5.55 8.39
C ASP A 173 -9.32 5.25 9.61
N ALA A 174 -9.83 6.30 10.24
CA ALA A 174 -10.51 6.14 11.53
C ALA A 174 -11.78 5.30 11.41
N SER A 175 -12.55 5.49 10.33
CA SER A 175 -13.84 4.82 10.22
C SER A 175 -13.69 3.31 10.07
N SER A 176 -12.66 2.86 9.36
CA SER A 176 -12.44 1.43 9.20
C SER A 176 -11.53 0.84 10.26
N LYS A 177 -10.76 1.69 10.95
CA LYS A 177 -9.70 1.28 11.89
C LYS A 177 -8.58 0.52 11.19
N ILE A 178 -8.43 0.69 9.88
CA ILE A 178 -7.33 0.04 9.15
C ILE A 178 -6.08 0.90 9.24
N LEU A 179 -5.01 0.32 9.79
CA LEU A 179 -3.68 0.90 9.65
C LEU A 179 -2.95 0.17 8.53
N LEU A 180 -2.47 0.91 7.54
CA LEU A 180 -1.81 0.37 6.36
C LEU A 180 -0.40 0.96 6.26
N ALA A 181 0.52 0.18 5.72
CA ALA A 181 1.87 0.67 5.47
C ALA A 181 2.36 0.05 4.17
N VAL A 182 3.06 0.85 3.36
CA VAL A 182 3.61 0.41 2.08
CA VAL A 182 3.65 0.35 2.12
C VAL A 182 5.08 0.83 2.02
N LEU A 183 5.95 -0.05 1.55
CA LEU A 183 7.33 0.29 1.27
C LEU A 183 7.56 0.08 -0.22
N VAL A 184 8.18 1.07 -0.87
CA VAL A 184 8.52 1.00 -2.29
C VAL A 184 10.01 1.26 -2.44
N TYR A 185 10.68 0.41 -3.20
CA TYR A 185 12.05 0.70 -3.60
C TYR A 185 12.03 1.24 -5.02
N PRO A 186 12.27 2.53 -5.24
CA PRO A 186 12.34 3.02 -6.63
C PRO A 186 13.43 2.35 -7.44
N SER A 187 14.54 1.96 -6.81
CA SER A 187 15.66 1.39 -7.54
C SER A 187 15.27 0.11 -8.26
N SER A 188 14.43 -0.71 -7.64
CA SER A 188 14.07 -1.99 -8.20
C SER A 188 12.60 -2.10 -8.56
N GLY A 189 11.76 -1.16 -8.12
CA GLY A 189 10.34 -1.28 -8.34
C GLY A 189 9.60 -2.18 -7.38
N ALA A 190 10.28 -2.78 -6.41
CA ALA A 190 9.60 -3.69 -5.49
C ALA A 190 8.62 -2.92 -4.60
N ILE A 191 7.51 -3.59 -4.29
CA ILE A 191 6.43 -3.02 -3.48
C ILE A 191 6.03 -4.05 -2.44
N TYR A 192 5.90 -3.59 -1.19
CA TYR A 192 5.50 -4.42 -0.08
C TYR A 192 4.40 -3.72 0.70
N THR A 193 3.42 -4.47 1.17
CA THR A 193 2.25 -3.91 1.84
C THR A 193 1.96 -4.70 3.10
N ILE A 194 1.37 -4.02 4.08
CA ILE A 194 0.96 -4.63 5.34
C ILE A 194 -0.19 -3.80 5.90
N ALA A 195 -1.18 -4.48 6.47
CA ALA A 195 -2.34 -3.78 7.01
C ALA A 195 -2.91 -4.58 8.17
N GLU A 196 -3.55 -3.86 9.10
CA GLU A 196 -4.18 -4.50 10.26
C GLU A 196 -5.16 -3.53 10.90
N ILE A 197 -6.12 -4.11 11.64
CA ILE A 197 -7.08 -3.33 12.41
C ILE A 197 -6.40 -2.79 13.67
N VAL A 198 -6.48 -1.47 13.85
CA VAL A 198 -6.02 -0.82 15.07
C VAL A 198 -7.08 0.18 15.52
N ASP A 199 -7.50 0.08 16.78
CA ASP A 199 -8.43 1.04 17.37
C ASP A 199 -7.61 1.94 18.28
N VAL A 200 -7.25 3.13 17.77
CA VAL A 200 -6.28 3.93 18.51
C VAL A 200 -6.87 4.50 19.81
N LYS A 201 -8.20 4.46 19.98
CA LYS A 201 -8.78 4.86 21.25
C LYS A 201 -8.28 3.99 22.39
N GLN A 202 -8.27 2.68 22.18
CA GLN A 202 -7.76 1.76 23.18
C GLN A 202 -6.23 1.75 23.25
N VAL A 203 -5.55 2.44 22.34
CA VAL A 203 -4.09 2.36 22.23
C VAL A 203 -3.43 3.66 22.64
N LEU A 204 -3.79 4.76 22.02
CA LEU A 204 -3.02 5.97 22.20
C LEU A 204 -3.68 6.89 23.21
N PRO A 205 -2.89 7.76 23.85
CA PRO A 205 -3.46 8.91 24.54
C PRO A 205 -4.13 9.85 23.54
N GLU A 206 -4.93 10.78 24.08
CA GLU A 206 -5.64 11.71 23.22
C GLU A 206 -4.66 12.63 22.48
N TRP A 207 -3.58 13.02 23.13
CA TRP A 207 -2.52 13.81 22.51
C TRP A 207 -1.23 12.99 22.43
N VAL A 208 -0.58 13.00 21.25
CA VAL A 208 0.61 12.17 21.04
C VAL A 208 1.72 12.99 20.41
N ASP A 209 2.96 12.52 20.61
CA ASP A 209 4.10 12.91 19.80
C ASP A 209 4.27 11.91 18.65
N VAL A 210 4.81 12.36 17.54
CA VAL A 210 5.15 11.46 16.45
C VAL A 210 6.64 11.58 16.18
N GLY A 211 7.29 10.47 15.85
CA GLY A 211 8.72 10.55 15.68
C GLY A 211 9.27 9.37 14.89
N LEU A 212 10.58 9.38 14.73
CA LEU A 212 11.30 8.32 14.06
C LEU A 212 12.45 7.89 14.97
N SER A 213 12.75 6.60 14.98
CA SER A 213 13.82 6.09 15.83
C SER A 213 14.60 5.00 15.09
N GLY A 214 15.91 4.96 15.31
CA GLY A 214 16.73 3.86 14.81
C GLY A 214 17.71 3.39 15.87
N ALA A 215 18.20 2.16 15.70
CA ALA A 215 19.18 1.62 16.63
C ALA A 215 20.09 0.61 15.93
N THR A 216 21.35 0.59 16.34
CA THR A 216 22.30 -0.44 15.96
C THR A 216 22.53 -1.36 17.15
N GLY A 217 23.28 -2.43 16.92
CA GLY A 217 23.20 -3.62 17.75
C GLY A 217 24.14 -3.65 18.94
N ALA A 218 24.10 -4.78 19.63
CA ALA A 218 24.69 -4.92 20.97
C ALA A 218 26.07 -5.58 20.96
N GLN A 219 26.73 -5.65 19.80
CA GLN A 219 28.09 -6.18 19.73
C GLN A 219 28.78 -5.55 18.53
N ARG A 220 30.12 -5.52 18.57
CA ARG A 220 30.89 -4.78 17.57
C ARG A 220 30.52 -5.22 16.16
N ASP A 221 30.38 -4.22 15.28
CA ASP A 221 30.06 -4.35 13.85
C ASP A 221 28.70 -4.99 13.59
N ALA A 222 27.83 -5.15 14.60
CA ALA A 222 26.43 -5.50 14.36
C ALA A 222 25.67 -4.20 14.17
N ALA A 223 25.76 -3.65 12.96
CA ALA A 223 25.36 -2.27 12.74
C ALA A 223 25.02 -2.05 11.28
N GLU A 224 24.38 -0.90 11.04
CA GLU A 224 23.89 -0.49 9.73
C GLU A 224 23.50 0.98 9.85
N THR A 225 23.48 1.67 8.71
CA THR A 225 23.03 3.05 8.70
C THR A 225 21.51 3.08 8.86
N HIS A 226 20.99 4.22 9.39
CA HIS A 226 19.55 4.47 9.49
C HIS A 226 19.31 5.93 9.10
N ASP A 227 19.46 6.21 7.80
CA ASP A 227 19.39 7.57 7.28
C ASP A 227 18.01 7.85 6.73
N VAL A 228 17.53 9.08 6.97
CA VAL A 228 16.21 9.52 6.57
C VAL A 228 16.38 10.79 5.75
N TYR A 229 15.72 10.86 4.61
CA TYR A 229 15.91 11.98 3.68
C TYR A 229 14.75 12.97 3.64
N SER A 230 13.54 12.56 4.01
CA SER A 230 12.37 13.43 3.98
C SER A 230 11.32 12.83 4.88
N TRP A 231 10.38 13.67 5.34
CA TRP A 231 9.36 13.22 6.28
C TRP A 231 8.20 14.21 6.26
N SER A 232 7.00 13.69 6.01
CA SER A 232 5.78 14.49 6.08
C SER A 232 4.74 13.75 6.92
N PHE A 233 3.77 14.49 7.43
CA PHE A 233 2.75 13.91 8.28
C PHE A 233 1.51 14.80 8.23
N HIS A 234 0.34 14.17 8.32
CA HIS A 234 -0.90 14.93 8.34
C HIS A 234 -1.95 14.18 9.15
N ALA A 235 -2.68 14.91 9.99
CA ALA A 235 -3.78 14.32 10.73
C ALA A 235 -4.95 15.30 10.73
N SER A 236 -6.15 14.74 10.76
CA SER A 236 -7.37 15.56 10.75
C SER A 236 -8.36 14.92 11.71
N LEU A 237 -8.73 15.67 12.75
CA LEU A 237 -9.64 15.19 13.77
C LEU A 237 -11.01 15.80 13.51
N PRO A 238 -12.05 15.00 13.22
CA PRO A 238 -13.37 15.58 13.01
C PRO A 238 -13.86 16.34 14.24
N GLU A 239 -14.80 17.25 14.01
CA GLU A 239 -15.36 18.07 15.08
C GLU A 239 -16.89 18.02 15.05
N VAL B 1 -3.84 -27.12 2.34
CA VAL B 1 -3.95 -25.83 1.68
C VAL B 1 -4.26 -26.03 0.20
N GLU B 2 -5.25 -25.30 -0.31
CA GLU B 2 -5.51 -25.24 -1.75
C GLU B 2 -4.90 -23.95 -2.28
N THR B 3 -3.73 -24.07 -2.89
CA THR B 3 -2.98 -22.93 -3.43
C THR B 3 -3.13 -22.90 -4.94
N ILE B 4 -3.29 -21.69 -5.49
CA ILE B 4 -3.26 -21.48 -6.93
C ILE B 4 -2.51 -20.17 -7.20
N SER B 5 -1.77 -20.14 -8.31
CA SER B 5 -1.02 -18.94 -8.65
C SER B 5 -0.70 -18.93 -10.14
N PHE B 6 -0.47 -17.73 -10.67
CA PHE B 6 0.03 -17.57 -12.02
C PHE B 6 0.83 -16.28 -12.09
N SER B 7 1.55 -16.10 -13.21
CA SER B 7 2.40 -14.93 -13.36
C SER B 7 2.75 -14.75 -14.82
N PHE B 8 2.35 -13.62 -15.40
CA PHE B 8 2.73 -13.22 -16.76
C PHE B 8 3.63 -11.99 -16.67
N SER B 9 4.93 -12.16 -16.95
CA SER B 9 5.80 -11.01 -17.04
C SER B 9 5.64 -10.30 -18.36
N GLU B 10 5.03 -10.97 -19.33
CA GLU B 10 4.54 -10.37 -20.55
C GLU B 10 3.47 -11.30 -21.07
N PHE B 11 2.74 -10.85 -22.08
CA PHE B 11 1.70 -11.68 -22.65
C PHE B 11 2.14 -12.20 -24.01
N GLU B 12 1.67 -13.39 -24.37
CA GLU B 12 2.02 -13.92 -25.67
C GLU B 12 0.74 -14.36 -26.38
N PRO B 13 0.52 -13.90 -27.60
CA PRO B 13 -0.65 -14.34 -28.38
C PRO B 13 -0.83 -15.86 -28.38
N GLY B 14 -2.00 -16.35 -28.00
CA GLY B 14 -2.37 -17.72 -28.24
C GLY B 14 -2.22 -18.67 -27.06
N ASN B 15 -1.60 -18.24 -25.96
CA ASN B 15 -1.44 -19.10 -24.79
C ASN B 15 -2.77 -19.16 -24.06
N ASN B 16 -3.46 -20.30 -24.17
CA ASN B 16 -4.79 -20.53 -23.62
C ASN B 16 -4.85 -20.46 -22.11
N ASP B 17 -3.85 -19.99 -21.37
CA ASP B 17 -4.06 -19.68 -19.96
C ASP B 17 -5.01 -18.49 -19.78
N LEU B 18 -5.24 -17.72 -20.83
CA LEU B 18 -6.05 -16.51 -20.79
C LEU B 18 -7.18 -16.62 -21.79
N THR B 19 -8.40 -16.39 -21.33
CA THR B 19 -9.52 -16.16 -22.23
C THR B 19 -9.63 -14.68 -22.50
N LEU B 20 -9.61 -14.30 -23.77
CA LEU B 20 -9.79 -12.92 -24.18
C LEU B 20 -11.23 -12.73 -24.63
N GLN B 21 -11.86 -11.65 -24.16
CA GLN B 21 -13.26 -11.38 -24.45
C GLN B 21 -13.41 -9.98 -25.03
N GLY B 22 -14.38 -9.83 -25.92
CA GLY B 22 -14.67 -8.51 -26.45
C GLY B 22 -13.50 -8.02 -27.28
N ALA B 23 -13.08 -6.78 -27.04
CA ALA B 23 -12.07 -6.15 -27.87
C ALA B 23 -10.63 -6.51 -27.50
N ALA B 24 -10.41 -7.33 -26.47
CA ALA B 24 -9.06 -7.54 -25.95
C ALA B 24 -8.20 -8.32 -26.93
N ILE B 25 -7.02 -7.77 -27.26
CA ILE B 25 -6.02 -8.47 -28.07
C ILE B 25 -4.69 -8.44 -27.33
N ILE B 26 -3.80 -9.34 -27.73
CA ILE B 26 -2.42 -9.34 -27.27
C ILE B 26 -1.55 -9.04 -28.48
N THR B 27 -0.78 -7.95 -28.41
CA THR B 27 0.03 -7.57 -29.55
C THR B 27 1.21 -8.53 -29.71
N GLN B 28 1.91 -8.40 -30.84
CA GLN B 28 3.12 -9.19 -31.04
C GLN B 28 4.19 -8.83 -30.01
N SER B 29 4.22 -7.59 -29.54
CA SER B 29 5.22 -7.16 -28.58
C SER B 29 4.88 -7.53 -27.14
N GLY B 30 3.78 -8.23 -26.91
CA GLY B 30 3.50 -8.80 -25.62
C GLY B 30 2.59 -7.99 -24.73
N VAL B 31 1.86 -7.02 -25.28
CA VAL B 31 1.01 -6.10 -24.51
C VAL B 31 -0.45 -6.52 -24.68
N LEU B 32 -1.17 -6.63 -23.57
CA LEU B 32 -2.60 -6.85 -23.62
C LEU B 32 -3.30 -5.51 -23.78
N GLN B 33 -3.88 -5.27 -24.96
CA GLN B 33 -4.68 -4.08 -25.21
C GLN B 33 -6.12 -4.40 -24.87
N LEU B 34 -6.63 -3.85 -23.75
CA LEU B 34 -7.98 -4.20 -23.34
C LEU B 34 -9.01 -3.57 -24.25
N THR B 35 -8.76 -2.36 -24.74
CA THR B 35 -9.73 -1.69 -25.59
C THR B 35 -9.08 -1.30 -26.91
N LYS B 36 -9.91 -1.22 -27.95
CA LYS B 36 -9.44 -1.18 -29.33
C LYS B 36 -8.50 0.01 -29.58
N ILE B 37 -7.36 -0.27 -30.20
CA ILE B 37 -6.48 0.78 -30.72
C ILE B 37 -6.64 0.79 -32.24
N ASN B 38 -7.01 1.95 -32.78
CA ASN B 38 -7.16 2.05 -34.23
C ASN B 38 -5.78 1.99 -34.90
N GLN B 39 -5.78 1.96 -36.23
CA GLN B 39 -4.50 1.73 -36.92
C GLN B 39 -3.58 2.94 -36.81
N ASN B 40 -4.13 4.15 -36.64
CA ASN B 40 -3.29 5.33 -36.44
C ASN B 40 -2.79 5.46 -35.01
N GLY B 41 -2.92 4.41 -34.20
CA GLY B 41 -2.48 4.43 -32.82
C GLY B 41 -3.41 5.09 -31.83
N MET B 42 -4.47 5.74 -32.29
CA MET B 42 -5.36 6.43 -31.37
C MET B 42 -6.40 5.46 -30.80
N PRO B 43 -6.80 5.64 -29.55
CA PRO B 43 -7.76 4.72 -28.95
C PRO B 43 -9.17 5.02 -29.46
N ALA B 44 -9.92 3.96 -29.72
CA ALA B 44 -11.27 4.13 -30.24
C ALA B 44 -12.26 4.20 -29.09
N TRP B 45 -13.27 5.06 -29.26
CA TRP B 45 -14.38 5.07 -28.34
C TRP B 45 -15.29 3.87 -28.57
N ASP B 46 -16.24 3.69 -27.67
CA ASP B 46 -17.25 2.64 -27.80
C ASP B 46 -16.59 1.25 -27.88
N SER B 47 -15.69 0.96 -26.93
CA SER B 47 -14.93 -0.29 -26.94
C SER B 47 -14.93 -0.88 -25.54
N THR B 48 -15.13 -2.20 -25.46
CA THR B 48 -15.06 -2.96 -24.24
C THR B 48 -14.29 -4.25 -24.45
N GLY B 49 -13.40 -4.57 -23.52
CA GLY B 49 -12.62 -5.79 -23.63
C GLY B 49 -12.15 -6.29 -22.28
N ARG B 50 -12.08 -7.62 -22.12
CA ARG B 50 -11.71 -8.25 -20.85
C ARG B 50 -10.79 -9.43 -21.11
N THR B 51 -10.13 -9.88 -20.05
CA THR B 51 -9.40 -11.14 -20.06
C THR B 51 -9.58 -11.81 -18.71
N LEU B 52 -9.76 -13.13 -18.73
CA LEU B 52 -9.89 -13.94 -17.53
C LEU B 52 -8.85 -15.05 -17.52
N TYR B 53 -8.30 -15.34 -16.35
CA TYR B 53 -7.56 -16.58 -16.19
C TYR B 53 -8.52 -17.75 -16.41
N THR B 54 -8.08 -18.73 -17.22
CA THR B 54 -8.95 -19.83 -17.59
C THR B 54 -9.17 -20.85 -16.48
N LYS B 55 -8.57 -20.66 -15.32
CA LYS B 55 -8.77 -21.63 -14.25
C LYS B 55 -9.57 -21.02 -13.12
N PRO B 56 -10.60 -21.71 -12.62
CA PRO B 56 -11.34 -21.20 -11.47
C PRO B 56 -10.46 -21.15 -10.23
N VAL B 57 -10.91 -20.38 -9.25
CA VAL B 57 -10.15 -20.13 -8.04
C VAL B 57 -11.05 -20.39 -6.85
N HIS B 58 -10.65 -21.32 -5.97
CA HIS B 58 -11.41 -21.60 -4.77
C HIS B 58 -11.08 -20.54 -3.73
N ILE B 59 -12.07 -19.74 -3.35
CA ILE B 59 -11.88 -18.64 -2.42
C ILE B 59 -12.41 -18.94 -1.03
N TRP B 60 -13.56 -19.62 -0.93
CA TRP B 60 -14.05 -20.04 0.36
C TRP B 60 -14.81 -21.34 0.21
N ASP B 61 -14.93 -22.07 1.31
CA ASP B 61 -15.59 -23.38 1.33
C ASP B 61 -16.68 -23.37 2.40
N MET B 62 -17.94 -23.51 1.97
CA MET B 62 -19.06 -23.53 2.90
C MET B 62 -19.23 -24.87 3.60
N THR B 63 -18.12 -25.52 3.95
CA THR B 63 -18.19 -26.72 4.77
C THR B 63 -17.24 -26.56 5.95
N THR B 64 -16.15 -25.83 5.73
CA THR B 64 -15.18 -25.54 6.78
C THR B 64 -15.29 -24.12 7.33
N GLY B 65 -15.85 -23.19 6.57
CA GLY B 65 -15.85 -21.80 6.99
C GLY B 65 -14.55 -21.08 6.77
N THR B 66 -13.57 -21.72 6.15
CA THR B 66 -12.30 -21.08 5.85
C THR B 66 -12.46 -20.12 4.67
N VAL B 67 -11.64 -19.07 4.66
CA VAL B 67 -11.64 -18.09 3.58
C VAL B 67 -10.21 -17.91 3.09
N ALA B 68 -10.06 -17.79 1.77
CA ALA B 68 -8.73 -17.69 1.18
C ALA B 68 -8.23 -16.25 1.18
N SER B 69 -6.95 -16.08 1.53
CA SER B 69 -6.24 -14.85 1.29
C SER B 69 -5.61 -14.90 -0.09
N PHE B 70 -5.41 -13.72 -0.68
CA PHE B 70 -4.99 -13.69 -2.07
C PHE B 70 -4.40 -12.33 -2.40
N GLU B 71 -3.77 -12.25 -3.57
CA GLU B 71 -3.05 -11.05 -3.96
C GLU B 71 -2.81 -11.09 -5.46
N THR B 72 -3.02 -9.95 -6.11
CA THR B 72 -2.72 -9.81 -7.53
C THR B 72 -1.90 -8.55 -7.75
N ARG B 73 -1.08 -8.57 -8.80
CA ARG B 73 -0.25 -7.45 -9.18
C ARG B 73 -0.32 -7.33 -10.69
N PHE B 74 -0.27 -6.10 -11.19
CA PHE B 74 -0.22 -5.90 -12.63
C PHE B 74 0.30 -4.50 -12.93
N SER B 75 0.76 -4.33 -14.16
CA SER B 75 1.23 -3.05 -14.65
C SER B 75 0.38 -2.64 -15.84
N PHE B 76 0.05 -1.37 -15.90
CA PHE B 76 -0.81 -0.87 -16.95
C PHE B 76 -0.40 0.55 -17.28
N SER B 77 -0.80 0.99 -18.45
CA SER B 77 -0.71 2.40 -18.80
C SER B 77 -2.05 2.85 -19.36
N ILE B 78 -2.44 4.07 -18.99
CA ILE B 78 -3.56 4.76 -19.60
C ILE B 78 -3.01 6.02 -20.23
N GLU B 79 -3.17 6.13 -21.54
CA GLU B 79 -2.85 7.34 -22.28
C GLU B 79 -4.15 7.99 -22.73
N GLN B 80 -4.27 9.29 -22.50
CA GLN B 80 -5.46 10.10 -22.79
C GLN B 80 -5.04 11.12 -23.84
N PRO B 81 -5.08 10.76 -25.13
CA PRO B 81 -4.45 11.60 -26.15
C PRO B 81 -5.35 12.67 -26.74
N TYR B 82 -6.65 12.65 -26.46
CA TYR B 82 -7.56 13.61 -27.05
C TYR B 82 -7.65 14.87 -26.18
N THR B 83 -7.80 16.02 -26.84
CA THR B 83 -7.95 17.30 -26.15
C THR B 83 -9.39 17.53 -25.71
N ARG B 84 -10.34 16.95 -26.44
CA ARG B 84 -11.77 17.03 -26.17
C ARG B 84 -12.40 15.80 -26.82
N PRO B 85 -13.51 15.28 -26.27
CA PRO B 85 -14.14 15.65 -25.00
C PRO B 85 -13.37 15.03 -23.82
N LEU B 86 -13.99 14.91 -22.66
CA LEU B 86 -13.31 14.30 -21.53
C LEU B 86 -13.09 12.80 -21.75
N PRO B 87 -11.99 12.25 -21.25
CA PRO B 87 -11.68 10.83 -21.47
C PRO B 87 -12.53 9.90 -20.61
N ALA B 88 -12.59 8.65 -21.03
CA ALA B 88 -13.44 7.64 -20.40
C ALA B 88 -12.99 6.26 -20.90
N ASP B 89 -13.28 5.20 -20.14
CA ASP B 89 -14.00 5.20 -18.86
C ASP B 89 -13.15 4.61 -17.72
N GLY B 90 -12.20 3.72 -18.06
CA GLY B 90 -11.29 3.19 -17.07
C GLY B 90 -11.04 1.69 -17.23
N LEU B 91 -10.34 1.10 -16.26
CA LEU B 91 -10.04 -0.33 -16.23
C LEU B 91 -10.16 -0.83 -14.81
N VAL B 92 -10.21 -2.15 -14.65
CA VAL B 92 -10.66 -2.72 -13.38
C VAL B 92 -10.17 -4.16 -13.27
N PHE B 93 -9.72 -4.51 -12.07
CA PHE B 93 -9.50 -5.90 -11.69
C PHE B 93 -10.77 -6.40 -11.02
N PHE B 94 -11.24 -7.59 -11.41
CA PHE B 94 -12.49 -8.07 -10.85
C PHE B 94 -12.42 -9.55 -10.57
N MET B 95 -13.20 -9.97 -9.57
CA MET B 95 -13.40 -11.37 -9.21
C MET B 95 -14.90 -11.60 -9.14
N GLY B 96 -15.39 -12.57 -9.91
CA GLY B 96 -16.81 -12.81 -9.97
C GLY B 96 -17.14 -14.27 -10.18
N PRO B 97 -18.41 -14.57 -10.42
CA PRO B 97 -18.80 -15.96 -10.71
C PRO B 97 -18.15 -16.47 -11.99
N THR B 98 -17.95 -17.77 -12.04
CA THR B 98 -17.23 -18.40 -13.14
C THR B 98 -18.05 -18.31 -14.43
N LYS B 99 -17.37 -18.57 -15.55
CA LYS B 99 -17.99 -18.59 -16.87
C LYS B 99 -18.66 -17.26 -17.21
N SER B 100 -18.23 -16.18 -16.58
CA SER B 100 -18.87 -14.90 -16.83
C SER B 100 -18.47 -14.37 -18.20
N LYS B 101 -19.40 -13.66 -18.83
CA LYS B 101 -19.18 -12.96 -20.07
C LYS B 101 -19.19 -11.45 -19.81
N PRO B 102 -18.67 -10.64 -20.73
CA PRO B 102 -18.67 -9.20 -20.51
C PRO B 102 -20.07 -8.66 -20.25
N ALA B 103 -20.15 -7.71 -19.31
CA ALA B 103 -21.41 -7.05 -19.03
C ALA B 103 -21.44 -5.69 -19.72
N GLN B 104 -22.18 -4.72 -19.19
CA GLN B 104 -22.29 -3.43 -19.82
C GLN B 104 -20.96 -2.68 -19.81
N GLY B 105 -20.76 -1.85 -20.84
CA GLY B 105 -19.55 -1.07 -20.98
C GLY B 105 -19.69 0.34 -20.44
N TYR B 106 -18.89 1.25 -20.98
CA TYR B 106 -18.86 2.65 -20.52
C TYR B 106 -18.51 2.63 -19.04
N GLY B 107 -19.29 3.30 -18.17
CA GLY B 107 -18.97 3.45 -16.76
C GLY B 107 -19.16 2.21 -15.92
N TYR B 108 -19.83 1.20 -16.45
CA TYR B 108 -19.92 -0.08 -15.79
C TYR B 108 -18.70 -0.96 -16.07
N LEU B 109 -17.79 -0.49 -16.92
CA LEU B 109 -16.42 -1.02 -17.06
C LEU B 109 -16.39 -2.47 -17.54
N GLY B 110 -17.45 -2.94 -18.21
CA GLY B 110 -17.52 -4.31 -18.66
C GLY B 110 -17.83 -5.32 -17.58
N VAL B 111 -18.19 -4.88 -16.37
CA VAL B 111 -18.30 -5.75 -15.23
C VAL B 111 -19.70 -5.70 -14.62
N PHE B 112 -20.34 -4.53 -14.62
CA PHE B 112 -21.67 -4.40 -14.05
C PHE B 112 -22.68 -4.11 -15.14
N ASN B 113 -23.97 -4.15 -14.75
CA ASN B 113 -25.10 -3.98 -15.67
C ASN B 113 -25.82 -2.66 -15.49
N ASN B 114 -25.61 -1.99 -14.36
CA ASN B 114 -26.40 -0.85 -13.95
C ASN B 114 -25.67 -0.25 -12.76
N SER B 115 -26.25 0.79 -12.16
CA SER B 115 -25.66 1.41 -10.99
C SER B 115 -26.29 0.90 -9.69
N LYS B 116 -27.02 -0.21 -9.77
CA LYS B 116 -27.66 -0.78 -8.60
C LYS B 116 -26.64 -1.36 -7.63
N GLN B 117 -27.00 -1.34 -6.35
CA GLN B 117 -26.38 -2.21 -5.37
C GLN B 117 -27.17 -3.52 -5.36
N ASP B 118 -26.48 -4.65 -5.52
CA ASP B 118 -27.18 -5.88 -5.86
C ASP B 118 -26.31 -7.08 -5.49
N ASN B 119 -26.69 -7.79 -4.43
CA ASN B 119 -25.94 -8.97 -4.01
C ASN B 119 -25.90 -10.04 -5.09
N SER B 120 -26.78 -9.97 -6.08
CA SER B 120 -26.82 -10.94 -7.17
C SER B 120 -25.58 -10.86 -8.05
N TYR B 121 -24.83 -9.77 -7.99
CA TYR B 121 -23.60 -9.66 -8.77
C TYR B 121 -22.56 -10.67 -8.31
N GLN B 122 -22.40 -10.83 -6.99
CA GLN B 122 -21.37 -11.71 -6.43
C GLN B 122 -19.99 -11.36 -6.97
N THR B 123 -19.66 -10.07 -6.95
CA THR B 123 -18.46 -9.60 -7.61
C THR B 123 -17.73 -8.59 -6.72
N LEU B 124 -16.42 -8.81 -6.58
CA LEU B 124 -15.49 -7.87 -5.97
C LEU B 124 -14.62 -7.27 -7.07
N ALA B 125 -14.40 -5.95 -7.01
CA ALA B 125 -13.53 -5.35 -8.01
C ALA B 125 -12.79 -4.16 -7.42
N VAL B 126 -11.61 -3.89 -8.01
CA VAL B 126 -10.84 -2.68 -7.74
C VAL B 126 -10.71 -1.93 -9.05
N GLU B 127 -11.25 -0.72 -9.11
CA GLU B 127 -11.35 0.02 -10.35
C GLU B 127 -10.33 1.15 -10.40
N PHE B 128 -9.97 1.53 -11.63
CA PHE B 128 -9.13 2.69 -11.93
C PHE B 128 -9.95 3.52 -12.93
N ASP B 129 -10.76 4.43 -12.39
CA ASP B 129 -11.88 5.05 -13.08
C ASP B 129 -11.50 6.44 -13.57
N THR B 130 -11.63 6.68 -14.87
CA THR B 130 -11.19 7.94 -15.47
C THR B 130 -12.32 8.88 -15.82
N PHE B 131 -13.58 8.49 -15.63
CA PHE B 131 -14.70 9.37 -15.96
C PHE B 131 -15.68 9.38 -14.79
N SER B 132 -16.08 10.59 -14.40
CA SER B 132 -16.96 10.77 -13.23
C SER B 132 -18.40 10.62 -13.67
N ASN B 133 -18.98 9.46 -13.37
CA ASN B 133 -20.39 9.21 -13.65
C ASN B 133 -21.26 9.80 -12.55
N PRO B 134 -22.58 9.79 -12.69
CA PRO B 134 -23.43 10.30 -11.60
C PRO B 134 -23.27 9.55 -10.29
N TRP B 135 -22.80 8.31 -10.29
CA TRP B 135 -22.61 7.57 -9.05
C TRP B 135 -21.21 7.72 -8.46
N ASP B 136 -20.33 8.46 -9.12
CA ASP B 136 -18.91 8.59 -8.83
C ASP B 136 -18.63 9.79 -7.93
N PRO B 137 -17.51 9.78 -7.21
CA PRO B 137 -16.98 11.02 -6.67
C PRO B 137 -16.60 11.97 -7.80
N PRO B 138 -16.45 13.25 -7.49
CA PRO B 138 -16.14 14.21 -8.56
C PRO B 138 -14.73 14.10 -9.08
N GLN B 139 -13.79 13.57 -8.30
CA GLN B 139 -12.39 13.54 -8.72
C GLN B 139 -12.14 12.36 -9.65
N VAL B 140 -11.50 12.63 -10.80
CA VAL B 140 -10.96 11.53 -11.60
C VAL B 140 -9.57 11.89 -12.12
N PRO B 141 -8.70 10.88 -12.25
CA PRO B 141 -9.02 9.48 -11.97
C PRO B 141 -9.10 9.17 -10.49
N HIS B 142 -9.73 8.05 -10.14
CA HIS B 142 -9.73 7.57 -8.77
C HIS B 142 -9.67 6.06 -8.79
N ILE B 143 -9.02 5.50 -7.77
CA ILE B 143 -9.18 4.09 -7.44
C ILE B 143 -10.49 3.93 -6.68
N GLY B 144 -11.11 2.77 -6.82
CA GLY B 144 -12.30 2.48 -6.03
C GLY B 144 -12.42 1.00 -5.76
N ILE B 145 -12.98 0.67 -4.61
CA ILE B 145 -13.27 -0.70 -4.23
C ILE B 145 -14.76 -0.94 -4.43
N ASP B 146 -15.09 -1.88 -5.30
CA ASP B 146 -16.47 -2.15 -5.73
C ASP B 146 -16.91 -3.51 -5.19
N VAL B 147 -17.94 -3.49 -4.37
CA VAL B 147 -18.51 -4.70 -3.79
C VAL B 147 -19.97 -4.76 -4.21
N ASN B 148 -20.28 -5.61 -5.20
CA ASN B 148 -21.65 -5.83 -5.65
C ASN B 148 -22.29 -4.56 -6.20
N SER B 149 -21.47 -3.62 -6.70
CA SER B 149 -21.96 -2.37 -7.26
C SER B 149 -20.84 -1.56 -7.90
N ILE B 150 -21.14 -0.86 -9.00
CA ILE B 150 -20.24 0.15 -9.54
C ILE B 150 -20.12 1.38 -8.63
N ARG B 151 -20.99 1.49 -7.63
CA ARG B 151 -20.90 2.58 -6.65
C ARG B 151 -19.95 2.14 -5.55
N SER B 152 -18.68 2.54 -5.67
CA SER B 152 -17.63 1.99 -4.81
C SER B 152 -17.92 2.23 -3.33
N ILE B 153 -17.58 1.26 -2.48
CA ILE B 153 -17.67 1.46 -1.04
C ILE B 153 -16.57 2.35 -0.50
N LYS B 154 -15.53 2.62 -1.29
CA LYS B 154 -14.44 3.50 -0.89
C LYS B 154 -13.70 3.94 -2.14
N THR B 155 -13.34 5.21 -2.22
CA THR B 155 -12.60 5.70 -3.37
C THR B 155 -11.35 6.48 -2.92
N GLN B 156 -10.44 6.68 -3.86
CA GLN B 156 -9.23 7.45 -3.62
C GLN B 156 -8.74 8.12 -4.91
N PRO B 157 -8.79 9.45 -4.97
CA PRO B 157 -8.31 10.15 -6.17
C PRO B 157 -6.81 9.94 -6.39
N PHE B 158 -6.41 9.86 -7.65
CA PHE B 158 -4.99 9.87 -8.00
C PHE B 158 -4.81 10.67 -9.28
N GLN B 159 -3.60 11.22 -9.45
CA GLN B 159 -3.25 11.97 -10.64
C GLN B 159 -2.74 11.00 -11.70
N LEU B 160 -3.33 11.07 -12.89
CA LEU B 160 -2.78 10.31 -14.01
C LEU B 160 -1.42 10.87 -14.38
N ASP B 161 -0.46 9.99 -14.63
CA ASP B 161 0.78 10.35 -15.32
C ASP B 161 0.60 9.85 -16.75
N ASN B 162 0.26 10.78 -17.63
CA ASN B 162 -0.37 10.42 -18.90
C ASN B 162 0.56 9.55 -19.74
N GLY B 163 0.14 8.32 -19.98
CA GLY B 163 0.88 7.42 -20.83
C GLY B 163 1.97 6.63 -20.14
N GLN B 164 2.22 6.85 -18.85
CA GLN B 164 3.26 6.14 -18.13
C GLN B 164 2.74 4.84 -17.55
N VAL B 165 3.66 3.96 -17.19
CA VAL B 165 3.30 2.67 -16.61
C VAL B 165 3.10 2.85 -15.10
N ALA B 166 2.01 2.28 -14.59
CA ALA B 166 1.72 2.26 -13.16
C ALA B 166 1.78 0.82 -12.68
N ASN B 167 2.33 0.62 -11.47
CA ASN B 167 2.33 -0.69 -10.84
C ASN B 167 1.22 -0.74 -9.80
N VAL B 168 0.46 -1.83 -9.82
CA VAL B 168 -0.67 -2.01 -8.91
C VAL B 168 -0.43 -3.26 -8.08
N VAL B 169 -0.67 -3.14 -6.77
CA VAL B 169 -0.68 -4.27 -5.86
C VAL B 169 -2.04 -4.29 -5.18
N ILE B 170 -2.69 -5.46 -5.17
CA ILE B 170 -3.99 -5.64 -4.53
C ILE B 170 -3.90 -6.88 -3.65
N LYS B 171 -4.33 -6.75 -2.38
CA LYS B 171 -4.10 -7.80 -1.42
C LYS B 171 -5.30 -7.95 -0.48
N TYR B 172 -5.72 -9.19 -0.25
CA TYR B 172 -6.81 -9.51 0.67
C TYR B 172 -6.28 -10.42 1.76
N ASP B 173 -6.45 -10.01 3.01
CA ASP B 173 -6.16 -10.85 4.17
C ASP B 173 -7.50 -11.33 4.74
N ALA B 174 -7.70 -12.65 4.76
CA ALA B 174 -8.98 -13.20 5.18
C ALA B 174 -9.24 -12.98 6.67
N SER B 175 -8.18 -12.96 7.49
CA SER B 175 -8.35 -12.94 8.93
C SER B 175 -8.81 -11.58 9.43
N SER B 176 -8.36 -10.49 8.80
CA SER B 176 -8.84 -9.16 9.14
C SER B 176 -9.90 -8.64 8.19
N LYS B 177 -10.17 -9.37 7.10
CA LYS B 177 -11.11 -8.98 6.05
C LYS B 177 -10.68 -7.69 5.32
N ILE B 178 -9.41 -7.34 5.40
CA ILE B 178 -8.91 -6.11 4.79
C ILE B 178 -8.60 -6.37 3.33
N LEU B 179 -9.14 -5.54 2.45
CA LEU B 179 -8.73 -5.48 1.05
C LEU B 179 -8.00 -4.16 0.85
N LEU B 180 -6.76 -4.21 0.36
CA LEU B 180 -6.00 -3.01 0.11
C LEU B 180 -5.53 -2.99 -1.33
N ALA B 181 -5.32 -1.79 -1.86
CA ALA B 181 -4.76 -1.62 -3.19
C ALA B 181 -3.79 -0.46 -3.12
N VAL B 182 -2.69 -0.59 -3.86
CA VAL B 182 -1.67 0.43 -3.98
C VAL B 182 -1.39 0.64 -5.47
N LEU B 183 -1.22 1.90 -5.86
CA LEU B 183 -0.78 2.28 -7.19
C LEU B 183 0.50 3.09 -7.06
N VAL B 184 1.51 2.73 -7.86
CA VAL B 184 2.81 3.37 -7.88
C VAL B 184 3.13 3.76 -9.31
N TYR B 185 3.59 4.98 -9.52
CA TYR B 185 4.12 5.41 -10.80
C TYR B 185 5.64 5.51 -10.68
N PRO B 186 6.41 4.57 -11.23
CA PRO B 186 7.88 4.73 -11.23
C PRO B 186 8.32 6.03 -11.87
N SER B 187 7.62 6.47 -12.92
CA SER B 187 8.02 7.67 -13.66
C SER B 187 8.13 8.88 -12.74
N SER B 188 7.19 9.02 -11.80
CA SER B 188 7.16 10.17 -10.92
C SER B 188 7.47 9.84 -9.46
N GLY B 189 7.45 8.57 -9.08
CA GLY B 189 7.56 8.20 -7.69
C GLY B 189 6.28 8.26 -6.90
N ALA B 190 5.16 8.64 -7.52
CA ALA B 190 3.93 8.86 -6.75
C ALA B 190 3.36 7.55 -6.26
N ILE B 191 2.80 7.56 -5.05
CA ILE B 191 2.26 6.37 -4.40
C ILE B 191 0.87 6.71 -3.88
N TYR B 192 -0.10 5.85 -4.17
CA TYR B 192 -1.48 6.04 -3.72
C TYR B 192 -1.96 4.76 -3.04
N THR B 193 -2.76 4.90 -1.98
CA THR B 193 -3.22 3.73 -1.23
C THR B 193 -4.72 3.83 -0.96
N ILE B 194 -5.35 2.67 -0.81
CA ILE B 194 -6.76 2.60 -0.46
C ILE B 194 -7.02 1.26 0.23
N ALA B 195 -7.93 1.25 1.20
CA ALA B 195 -8.23 0.00 1.88
C ALA B 195 -9.62 0.07 2.54
N GLU B 196 -10.31 -1.06 2.56
CA GLU B 196 -11.62 -1.14 3.20
C GLU B 196 -11.89 -2.59 3.62
N ILE B 197 -12.78 -2.74 4.62
CA ILE B 197 -13.18 -4.07 5.08
C ILE B 197 -14.03 -4.73 4.01
N VAL B 198 -13.75 -6.00 3.72
CA VAL B 198 -14.53 -6.78 2.75
C VAL B 198 -14.67 -8.21 3.26
N ASP B 199 -15.89 -8.63 3.56
CA ASP B 199 -16.18 -10.01 3.96
C ASP B 199 -16.52 -10.81 2.70
N VAL B 200 -15.50 -11.42 2.09
CA VAL B 200 -15.72 -12.07 0.79
C VAL B 200 -16.59 -13.32 0.92
N LYS B 201 -16.65 -13.93 2.09
CA LYS B 201 -17.59 -15.03 2.27
C LYS B 201 -19.02 -14.60 1.99
N GLN B 202 -19.34 -13.34 2.29
CA GLN B 202 -20.66 -12.79 2.10
C GLN B 202 -20.84 -12.12 0.74
N VAL B 203 -19.85 -12.22 -0.15
CA VAL B 203 -19.90 -11.47 -1.40
C VAL B 203 -19.70 -12.41 -2.58
N LEU B 204 -18.64 -13.20 -2.54
CA LEU B 204 -18.13 -14.04 -3.62
C LEU B 204 -18.70 -15.45 -3.53
N PRO B 205 -18.94 -16.09 -4.67
CA PRO B 205 -19.20 -17.53 -4.67
C PRO B 205 -17.96 -18.30 -4.26
N GLU B 206 -18.15 -19.58 -3.93
CA GLU B 206 -17.04 -20.41 -3.47
C GLU B 206 -15.91 -20.41 -4.49
N TRP B 207 -16.24 -20.69 -5.74
CA TRP B 207 -15.30 -20.59 -6.85
C TRP B 207 -15.55 -19.30 -7.60
N VAL B 208 -14.48 -18.69 -8.12
CA VAL B 208 -14.58 -17.45 -8.86
C VAL B 208 -13.62 -17.48 -10.03
N ASP B 209 -13.96 -16.69 -11.05
CA ASP B 209 -13.00 -16.31 -12.08
C ASP B 209 -12.39 -14.98 -11.70
N VAL B 210 -11.13 -14.78 -12.09
CA VAL B 210 -10.46 -13.49 -11.90
C VAL B 210 -10.14 -12.93 -13.28
N GLY B 211 -10.14 -11.61 -13.39
CA GLY B 211 -9.93 -11.00 -14.68
C GLY B 211 -9.67 -9.52 -14.63
N LEU B 212 -9.33 -8.97 -15.80
CA LEU B 212 -9.12 -7.55 -16.00
C LEU B 212 -10.06 -7.09 -17.10
N SER B 213 -10.61 -5.88 -16.98
CA SER B 213 -11.55 -5.37 -17.96
C SER B 213 -11.26 -3.90 -18.22
N GLY B 214 -11.55 -3.47 -19.44
CA GLY B 214 -11.39 -2.07 -19.79
C GLY B 214 -12.53 -1.62 -20.68
N ALA B 215 -12.75 -0.31 -20.68
CA ALA B 215 -13.84 0.26 -21.45
C ALA B 215 -13.52 1.71 -21.82
N THR B 216 -13.87 2.08 -23.04
CA THR B 216 -13.87 3.46 -23.48
C THR B 216 -15.31 3.94 -23.62
N GLY B 217 -15.47 5.22 -23.97
CA GLY B 217 -16.67 5.97 -23.66
C GLY B 217 -17.76 5.98 -24.72
N ALA B 218 -18.88 6.58 -24.33
CA ALA B 218 -20.14 6.48 -25.06
C ALA B 218 -20.33 7.54 -26.13
N GLN B 219 -19.37 8.43 -26.34
CA GLN B 219 -19.42 9.40 -27.44
C GLN B 219 -18.05 9.46 -28.10
N ARG B 220 -18.00 10.09 -29.27
CA ARG B 220 -16.79 10.01 -30.10
C ARG B 220 -15.60 10.64 -29.38
N ASP B 221 -14.47 9.93 -29.40
CA ASP B 221 -13.20 10.37 -28.85
C ASP B 221 -13.21 10.51 -27.33
N ALA B 222 -14.27 10.07 -26.64
CA ALA B 222 -14.21 9.93 -25.18
C ALA B 222 -13.54 8.59 -24.90
N ALA B 223 -12.22 8.59 -24.99
CA ALA B 223 -11.48 7.33 -25.07
C ALA B 223 -10.05 7.53 -24.59
N GLU B 224 -9.43 6.42 -24.24
CA GLU B 224 -8.07 6.38 -23.73
C GLU B 224 -7.59 4.94 -23.93
N THR B 225 -6.27 4.75 -23.86
CA THR B 225 -5.76 3.39 -23.93
C THR B 225 -5.95 2.71 -22.58
N HIS B 226 -6.09 1.37 -22.61
CA HIS B 226 -6.05 0.55 -21.40
C HIS B 226 -5.13 -0.65 -21.67
N ASP B 227 -3.83 -0.40 -21.65
CA ASP B 227 -2.82 -1.42 -21.94
C ASP B 227 -2.28 -2.04 -20.65
N VAL B 228 -2.05 -3.35 -20.67
CA VAL B 228 -1.57 -4.11 -19.51
C VAL B 228 -0.30 -4.85 -19.93
N TYR B 229 0.75 -4.76 -19.11
CA TYR B 229 2.05 -5.32 -19.47
C TYR B 229 2.41 -6.59 -18.71
N SER B 230 1.77 -6.83 -17.57
CA SER B 230 2.08 -8.00 -16.76
C SER B 230 0.95 -8.21 -15.76
N TRP B 231 0.83 -9.43 -15.26
CA TRP B 231 -0.24 -9.76 -14.32
C TRP B 231 0.13 -11.02 -13.58
N SER B 232 0.17 -10.95 -12.25
CA SER B 232 0.33 -12.12 -11.40
C SER B 232 -0.83 -12.20 -10.41
N PHE B 233 -0.99 -13.39 -9.83
CA PHE B 233 -2.07 -13.65 -8.89
C PHE B 233 -1.71 -14.85 -8.04
N HIS B 234 -2.07 -14.79 -6.77
CA HIS B 234 -1.83 -15.88 -5.83
C HIS B 234 -3.02 -15.96 -4.88
N ALA B 235 -3.60 -17.14 -4.76
CA ALA B 235 -4.64 -17.40 -3.76
C ALA B 235 -4.25 -18.62 -2.94
N SER B 236 -4.68 -18.62 -1.69
CA SER B 236 -4.29 -19.69 -0.76
C SER B 236 -5.41 -19.88 0.26
N LEU B 237 -6.06 -21.04 0.21
CA LEU B 237 -7.22 -21.31 1.04
C LEU B 237 -6.84 -22.27 2.16
N PRO B 238 -6.73 -21.81 3.41
CA PRO B 238 -6.33 -22.69 4.50
C PRO B 238 -7.35 -23.81 4.73
N GLU B 239 -6.91 -24.85 5.42
CA GLU B 239 -7.77 -25.98 5.75
C GLU B 239 -8.32 -25.88 7.18
#